data_7L6J
#
_entry.id   7L6J
#
_cell.length_a   171.693
_cell.length_b   171.693
_cell.length_c   171.693
_cell.angle_alpha   90.000
_cell.angle_beta   90.000
_cell.angle_gamma   90.000
#
_symmetry.space_group_name_H-M   'I 41 3 2'
#
loop_
_entity.id
_entity.type
_entity.pdbx_description
1 polymer 'Putative hydrolase'
2 non-polymer 'CHLORIDE ION'
3 non-polymer 'SODIUM ION'
4 non-polymer 'FORMIC ACID'
5 water water
#
_entity_poly.entity_id   1
_entity_poly.type   'polypeptide(L)'
_entity_poly.pdbx_seq_one_letter_code
;SNA(MSE)ALPRITDYPLPTAAELPQARGPWRPQRDRVALLVHD(MSE)QRYFLAAFDAGNAPLRPAVDNIARLLAHCRA
RGIPVFYTAQHGDQDRRDRGLQADLWGPG(MSE)RRSADHEPIIDALAPQPGEHVLVKHRYSAFQRSNLETL(MSE)RVR
GRDQLLVTGVYAHIGCTATVVEAFQRDIEAFIAADAVADFSRADHDQALHWIARTSGVP(MSE)TTDQLLEVL
;
_entity_poly.pdbx_strand_id   A
#
loop_
_chem_comp.id
_chem_comp.type
_chem_comp.name
_chem_comp.formula
CL non-polymer 'CHLORIDE ION' 'Cl -1'
FMT non-polymer 'FORMIC ACID' 'C H2 O2'
NA non-polymer 'SODIUM ION' 'Na 1'
#
# COMPACT_ATOMS: atom_id res chain seq x y z
N SER A 1 14.71 -4.68 15.76
CA SER A 1 13.27 -4.65 15.36
C SER A 1 12.74 -6.09 15.26
N ASN A 2 11.41 -6.24 15.12
CA ASN A 2 10.86 -7.61 15.00
C ASN A 2 9.45 -7.57 14.38
N ALA A 3 9.12 -6.52 13.64
CA ALA A 3 7.78 -6.49 12.96
C ALA A 3 7.65 -7.73 12.07
N MSE A 4 6.50 -8.41 12.16
CA MSE A 4 6.23 -9.64 11.42
C MSE A 4 7.25 -10.72 11.79
O MSE A 4 7.45 -11.67 11.04
CB MSE A 4 6.26 -9.40 9.91
CG MSE A 4 5.65 -8.08 9.47
SE MSE A 4 3.77 -8.01 10.00
CE MSE A 4 2.78 -8.83 8.52
N ALA A 5 7.89 -10.57 12.95
CA ALA A 5 8.91 -11.49 13.43
C ALA A 5 10.10 -11.54 12.45
N LEU A 6 10.34 -10.45 11.72
CA LEU A 6 11.49 -10.37 10.78
C LEU A 6 12.48 -9.35 11.30
N PRO A 7 13.65 -9.77 11.84
CA PRO A 7 14.66 -8.84 12.31
C PRO A 7 15.24 -8.07 11.11
N ARG A 8 15.26 -8.72 9.95
CA ARG A 8 15.76 -8.04 8.73
C ARG A 8 15.13 -8.68 7.50
N ILE A 9 14.94 -7.86 6.47
CA ILE A 9 14.50 -8.34 5.13
C ILE A 9 15.72 -8.15 4.22
N THR A 10 16.19 -9.26 3.65
N THR A 10 16.24 -9.26 3.69
CA THR A 10 17.36 -9.26 2.73
CA THR A 10 17.43 -9.19 2.81
C THR A 10 17.05 -8.38 1.51
C THR A 10 17.08 -8.39 1.54
N ASP A 11 18.04 -7.63 1.03
CA ASP A 11 17.84 -6.74 -0.13
C ASP A 11 17.38 -7.56 -1.35
N TYR A 12 16.55 -6.96 -2.19
CA TYR A 12 16.14 -7.59 -3.46
C TYR A 12 15.71 -6.48 -4.42
N PRO A 13 15.92 -6.66 -5.73
CA PRO A 13 15.56 -5.63 -6.71
C PRO A 13 14.06 -5.59 -6.99
N LEU A 14 13.56 -4.37 -7.20
CA LEU A 14 12.13 -4.20 -7.56
C LEU A 14 11.96 -4.68 -9.00
N PRO A 15 10.77 -5.21 -9.34
CA PRO A 15 10.51 -5.62 -10.72
C PRO A 15 10.54 -4.43 -11.69
N THR A 16 11.03 -4.68 -12.90
CA THR A 16 11.07 -3.68 -13.99
C THR A 16 9.79 -3.84 -14.81
N ALA A 17 9.54 -2.91 -15.73
CA ALA A 17 8.33 -2.98 -16.58
C ALA A 17 8.33 -4.30 -17.36
N ALA A 18 9.50 -4.78 -17.77
CA ALA A 18 9.59 -6.01 -18.60
C ALA A 18 9.27 -7.26 -17.76
N GLU A 19 9.35 -7.14 -16.43
CA GLU A 19 9.16 -8.30 -15.52
C GLU A 19 7.74 -8.33 -14.95
N LEU A 20 6.88 -7.40 -15.35
CA LEU A 20 5.52 -7.40 -14.76
C LEU A 20 4.68 -8.48 -15.42
N PRO A 21 3.74 -9.10 -14.67
CA PRO A 21 2.82 -10.07 -15.24
C PRO A 21 1.79 -9.35 -16.11
N GLN A 22 1.21 -10.05 -17.07
CA GLN A 22 0.15 -9.46 -17.95
C GLN A 22 -1.15 -9.36 -17.14
N ALA A 23 -1.75 -8.18 -17.07
CA ALA A 23 -3.04 -8.03 -16.36
C ALA A 23 -4.15 -8.64 -17.21
N ARG A 24 -5.02 -9.43 -16.58
CA ARG A 24 -6.19 -10.01 -17.27
C ARG A 24 -7.20 -8.89 -17.56
N GLY A 25 -7.29 -7.90 -16.67
CA GLY A 25 -8.30 -6.83 -16.76
C GLY A 25 -7.90 -5.70 -17.70
N PRO A 26 -8.89 -4.99 -18.28
CA PRO A 26 -8.63 -3.88 -19.22
C PRO A 26 -8.51 -2.50 -18.58
N TRP A 27 -8.65 -2.44 -17.27
CA TRP A 27 -8.74 -1.13 -16.55
C TRP A 27 -7.44 -0.34 -16.69
N ARG A 28 -7.59 0.97 -16.88
CA ARG A 28 -6.42 1.88 -16.98
C ARG A 28 -6.78 3.09 -16.13
N PRO A 29 -5.84 3.60 -15.31
CA PRO A 29 -6.16 4.65 -14.35
C PRO A 29 -6.28 6.04 -14.97
N GLN A 30 -7.19 6.84 -14.40
CA GLN A 30 -7.51 8.20 -14.90
C GLN A 30 -7.44 9.20 -13.74
N ARG A 31 -6.79 10.33 -13.97
N ARG A 31 -6.79 10.34 -13.97
CA ARG A 31 -6.56 11.37 -12.94
CA ARG A 31 -6.56 11.39 -12.94
C ARG A 31 -7.86 11.74 -12.21
C ARG A 31 -7.86 11.77 -12.21
N ASP A 32 -8.98 11.88 -12.94
CA ASP A 32 -10.25 12.35 -12.32
C ASP A 32 -10.98 11.25 -11.55
N ARG A 33 -10.55 9.99 -11.68
CA ARG A 33 -11.29 8.87 -11.04
C ARG A 33 -10.48 8.22 -9.91
N VAL A 34 -9.18 8.50 -9.85
CA VAL A 34 -8.29 7.70 -8.97
C VAL A 34 -8.05 8.35 -7.61
N ALA A 35 -7.79 7.50 -6.61
CA ALA A 35 -7.32 7.93 -5.28
C ALA A 35 -6.03 7.18 -5.00
N LEU A 36 -5.09 7.84 -4.33
CA LEU A 36 -3.82 7.18 -3.94
C LEU A 36 -3.95 6.62 -2.53
N LEU A 37 -3.52 5.38 -2.33
CA LEU A 37 -3.45 4.79 -0.98
C LEU A 37 -1.98 4.49 -0.67
N VAL A 38 -1.52 4.99 0.46
CA VAL A 38 -0.16 4.71 1.00
C VAL A 38 -0.40 3.76 2.18
N HIS A 39 -0.17 2.47 1.93
CA HIS A 39 -0.56 1.39 2.87
C HIS A 39 0.55 1.11 3.89
N ASP A 40 0.32 1.48 5.15
CA ASP A 40 1.14 1.07 6.33
C ASP A 40 2.63 1.43 6.21
N MSE A 41 2.94 2.64 5.73
CA MSE A 41 4.33 3.06 5.62
C MSE A 41 4.81 3.66 6.95
O MSE A 41 5.32 4.79 7.00
CB MSE A 41 4.51 3.99 4.43
CG MSE A 41 4.32 3.31 3.09
SE MSE A 41 5.63 1.85 2.82
CE MSE A 41 7.25 2.80 2.29
N GLN A 42 4.67 2.85 8.00
CA GLN A 42 5.01 3.24 9.36
C GLN A 42 6.40 2.72 9.72
N ARG A 43 7.09 3.45 10.59
CA ARG A 43 8.47 3.07 11.04
C ARG A 43 8.50 1.61 11.47
N TYR A 44 7.47 1.15 12.18
CA TYR A 44 7.43 -0.25 12.68
C TYR A 44 7.65 -1.26 11.55
N PHE A 45 6.93 -1.10 10.44
CA PHE A 45 6.94 -2.08 9.34
C PHE A 45 8.17 -1.94 8.43
N LEU A 46 8.86 -0.80 8.48
CA LEU A 46 9.98 -0.57 7.52
C LEU A 46 11.36 -0.80 8.15
N ALA A 47 11.42 -0.91 9.48
CA ALA A 47 12.71 -1.05 10.19
C ALA A 47 13.54 -2.23 9.64
N ALA A 48 12.89 -3.36 9.30
CA ALA A 48 13.56 -4.62 8.88
C ALA A 48 14.33 -4.44 7.57
N PHE A 49 13.87 -3.52 6.72
CA PHE A 49 14.56 -3.33 5.42
C PHE A 49 15.81 -2.49 5.62
N ASP A 50 16.79 -2.65 4.72
CA ASP A 50 17.91 -1.68 4.67
C ASP A 50 17.38 -0.48 3.86
N ALA A 51 17.11 0.64 4.54
CA ALA A 51 16.49 1.82 3.91
C ALA A 51 17.42 2.46 2.87
N GLY A 52 18.69 2.06 2.82
CA GLY A 52 19.62 2.60 1.82
C GLY A 52 19.67 1.73 0.57
N ASN A 53 18.99 0.59 0.58
CA ASN A 53 19.08 -0.38 -0.53
C ASN A 53 17.69 -0.78 -1.04
N ALA A 54 17.66 -1.52 -2.15
CA ALA A 54 16.39 -2.04 -2.70
C ALA A 54 15.94 -3.20 -1.82
N PRO A 55 14.63 -3.43 -1.65
CA PRO A 55 13.59 -2.64 -2.32
C PRO A 55 13.14 -1.32 -1.69
N LEU A 56 13.45 -1.08 -0.41
CA LEU A 56 12.80 0.07 0.29
C LEU A 56 13.24 1.43 -0.26
N ARG A 57 14.54 1.66 -0.47
CA ARG A 57 14.99 3.00 -0.93
C ARG A 57 14.25 3.42 -2.19
N PRO A 58 14.29 2.65 -3.31
CA PRO A 58 13.56 3.05 -4.52
C PRO A 58 12.04 3.04 -4.33
N ALA A 59 11.50 2.15 -3.48
CA ALA A 59 10.04 2.09 -3.28
C ALA A 59 9.58 3.38 -2.60
N VAL A 60 10.33 3.83 -1.59
CA VAL A 60 9.98 5.08 -0.86
C VAL A 60 10.11 6.26 -1.83
N ASP A 61 11.19 6.29 -2.63
CA ASP A 61 11.37 7.40 -3.60
C ASP A 61 10.18 7.41 -4.56
N ASN A 62 9.68 6.22 -4.93
CA ASN A 62 8.56 6.15 -5.90
C ASN A 62 7.25 6.61 -5.23
N ILE A 63 6.99 6.22 -3.99
CA ILE A 63 5.77 6.73 -3.31
C ILE A 63 5.88 8.26 -3.19
N ALA A 64 7.07 8.78 -2.90
CA ALA A 64 7.22 10.26 -2.78
C ALA A 64 6.89 10.91 -4.13
N ARG A 65 7.31 10.29 -5.24
CA ARG A 65 7.00 10.83 -6.59
C ARG A 65 5.49 10.81 -6.82
N LEU A 66 4.81 9.75 -6.37
CA LEU A 66 3.34 9.64 -6.59
C LEU A 66 2.61 10.65 -5.69
N LEU A 67 3.09 10.83 -4.46
CA LEU A 67 2.45 11.83 -3.56
C LEU A 67 2.58 13.22 -4.20
N ALA A 68 3.77 13.57 -4.68
CA ALA A 68 3.99 14.91 -5.27
C ALA A 68 3.08 15.07 -6.49
N HIS A 69 2.96 13.99 -7.26
CA HIS A 69 2.12 14.00 -8.50
C HIS A 69 0.66 14.28 -8.13
N CYS A 70 0.15 13.55 -7.14
CA CYS A 70 -1.28 13.67 -6.75
C CYS A 70 -1.55 15.03 -6.10
N ARG A 71 -0.60 15.52 -5.29
CA ARG A 71 -0.76 16.82 -4.58
C ARG A 71 -0.84 17.97 -5.58
N ALA A 72 -0.21 17.83 -6.75
CA ALA A 72 -0.23 18.92 -7.75
C ALA A 72 -1.52 18.86 -8.58
N ARG A 73 -2.34 17.82 -8.41
CA ARG A 73 -3.50 17.59 -9.33
C ARG A 73 -4.82 17.41 -8.59
N GLY A 74 -4.84 17.52 -7.26
CA GLY A 74 -6.13 17.40 -6.54
C GLY A 74 -6.59 15.95 -6.47
N ILE A 75 -5.69 15.01 -6.76
CA ILE A 75 -6.02 13.56 -6.58
C ILE A 75 -6.03 13.26 -5.08
N PRO A 76 -7.15 12.75 -4.52
CA PRO A 76 -7.21 12.47 -3.08
C PRO A 76 -6.13 11.47 -2.64
N VAL A 77 -5.56 11.74 -1.47
CA VAL A 77 -4.49 10.88 -0.91
C VAL A 77 -4.99 10.30 0.40
N PHE A 78 -4.91 8.98 0.50
CA PHE A 78 -5.27 8.25 1.73
C PHE A 78 -4.05 7.51 2.25
N TYR A 79 -3.89 7.52 3.56
CA TYR A 79 -2.87 6.69 4.22
C TYR A 79 -3.58 5.72 5.15
N THR A 80 -2.99 4.56 5.38
CA THR A 80 -3.46 3.68 6.47
C THR A 80 -2.36 3.63 7.50
N ALA A 81 -2.75 3.67 8.76
CA ALA A 81 -1.75 3.56 9.84
C ALA A 81 -2.39 2.82 11.00
N GLN A 82 -1.71 1.81 11.51
CA GLN A 82 -2.25 1.12 12.69
C GLN A 82 -1.92 1.98 13.92
N HIS A 83 -2.71 1.85 14.98
N HIS A 83 -2.68 1.82 14.99
CA HIS A 83 -2.40 2.47 16.29
CA HIS A 83 -2.35 2.49 16.27
C HIS A 83 -1.67 1.42 17.15
C HIS A 83 -1.70 1.43 17.17
N GLY A 84 -0.80 1.86 18.04
CA GLY A 84 -0.09 0.92 18.93
C GLY A 84 -0.94 0.44 20.10
N ASP A 85 -0.43 -0.57 20.80
CA ASP A 85 -1.04 -1.19 22.00
C ASP A 85 -2.49 -1.59 21.71
N GLN A 86 -2.68 -2.33 20.61
CA GLN A 86 -4.04 -2.83 20.28
C GLN A 86 -4.48 -3.88 21.31
N ASP A 87 -5.73 -3.82 21.72
CA ASP A 87 -6.32 -4.88 22.56
C ASP A 87 -6.41 -6.14 21.71
N ARG A 88 -5.97 -7.30 22.24
CA ARG A 88 -6.00 -8.57 21.46
C ARG A 88 -7.43 -8.86 20.94
N ARG A 89 -8.45 -8.47 21.70
CA ARG A 89 -9.85 -8.73 21.26
C ARG A 89 -10.18 -7.94 19.99
N ASP A 90 -9.60 -6.74 19.83
CA ASP A 90 -9.84 -5.91 18.63
C ASP A 90 -8.88 -6.32 17.50
N ARG A 91 -7.65 -6.73 17.85
CA ARG A 91 -6.62 -7.09 16.83
C ARG A 91 -7.03 -8.37 16.10
N GLY A 92 -7.70 -9.28 16.79
CA GLY A 92 -8.21 -10.50 16.13
C GLY A 92 -7.14 -11.53 15.79
N LEU A 93 -7.43 -12.34 14.77
CA LEU A 93 -6.63 -13.54 14.43
C LEU A 93 -5.24 -13.18 13.88
N GLN A 94 -5.04 -11.96 13.40
CA GLN A 94 -3.72 -11.61 12.85
C GLN A 94 -2.68 -11.68 13.97
N ALA A 95 -3.12 -11.56 15.23
CA ALA A 95 -2.20 -11.63 16.38
C ALA A 95 -1.64 -13.04 16.53
N ASP A 96 -2.35 -14.04 16.01
CA ASP A 96 -1.89 -15.45 16.07
C ASP A 96 -0.76 -15.67 15.04
N LEU A 97 -0.62 -14.77 14.07
CA LEU A 97 0.45 -14.89 13.04
C LEU A 97 1.57 -13.90 13.31
N TRP A 98 1.23 -12.67 13.71
CA TRP A 98 2.21 -11.56 13.71
C TRP A 98 2.41 -10.95 15.10
N GLY A 99 1.94 -11.62 16.14
CA GLY A 99 2.17 -11.11 17.51
C GLY A 99 1.19 -10.02 17.89
N PRO A 100 1.40 -9.40 19.07
CA PRO A 100 0.49 -8.39 19.60
C PRO A 100 0.50 -7.05 18.86
N GLY A 101 1.47 -6.86 17.97
CA GLY A 101 1.51 -5.63 17.16
C GLY A 101 2.39 -4.53 17.75
N MSE A 102 2.42 -3.40 17.06
CA MSE A 102 3.30 -2.30 17.42
C MSE A 102 2.86 -1.66 18.73
O MSE A 102 1.73 -1.85 19.19
CB MSE A 102 3.31 -1.26 16.30
CG MSE A 102 2.09 -0.38 16.28
SE MSE A 102 2.16 0.87 14.78
CE MSE A 102 2.20 -0.35 13.26
N ARG A 103 3.78 -0.88 19.30
CA ARG A 103 3.56 -0.16 20.55
C ARG A 103 3.17 1.29 20.24
N ARG A 104 2.60 2.00 21.21
CA ARG A 104 2.34 3.46 21.06
C ARG A 104 3.67 4.18 21.27
N SER A 105 4.53 4.16 20.25
N SER A 105 4.55 4.17 20.26
CA SER A 105 5.92 4.68 20.33
CA SER A 105 5.88 4.79 20.41
C SER A 105 6.28 5.47 19.07
C SER A 105 6.28 5.48 19.10
N ALA A 106 7.09 6.53 19.22
CA ALA A 106 7.56 7.31 18.06
C ALA A 106 8.45 6.43 17.18
N ASP A 107 8.96 5.32 17.72
CA ASP A 107 9.82 4.42 16.90
C ASP A 107 8.93 3.48 16.06
N HIS A 108 7.61 3.45 16.31
CA HIS A 108 6.73 2.47 15.65
C HIS A 108 5.64 3.14 14.80
N GLU A 109 4.81 3.97 15.43
CA GLU A 109 3.55 4.48 14.84
C GLU A 109 3.73 5.46 13.69
N PRO A 110 4.65 6.45 13.73
CA PRO A 110 4.68 7.47 12.69
C PRO A 110 4.90 6.98 11.27
N ILE A 111 4.16 7.58 10.34
CA ILE A 111 4.44 7.39 8.90
C ILE A 111 5.81 8.04 8.67
N ILE A 112 6.69 7.40 7.89
CA ILE A 112 8.08 7.91 7.77
C ILE A 112 8.09 9.33 7.21
N ASP A 113 9.05 10.14 7.69
CA ASP A 113 9.21 11.57 7.33
C ASP A 113 9.16 11.79 5.82
N ALA A 114 9.84 10.94 5.04
CA ALA A 114 9.92 11.12 3.57
C ALA A 114 8.53 11.05 2.91
N LEU A 115 7.53 10.46 3.60
CA LEU A 115 6.17 10.28 3.02
C LEU A 115 5.11 10.92 3.93
N ALA A 116 5.53 11.80 4.83
CA ALA A 116 4.63 12.38 5.84
C ALA A 116 3.35 12.94 5.20
N PRO A 117 2.17 12.65 5.78
CA PRO A 117 0.93 13.25 5.28
C PRO A 117 0.94 14.78 5.38
N GLN A 118 0.19 15.41 4.47
CA GLN A 118 -0.03 16.88 4.48
C GLN A 118 -1.46 17.16 4.94
N PRO A 119 -1.79 18.41 5.34
CA PRO A 119 -3.16 18.73 5.71
C PRO A 119 -4.14 18.40 4.58
N GLY A 120 -5.33 17.90 4.94
CA GLY A 120 -6.36 17.56 3.94
C GLY A 120 -6.22 16.14 3.45
N GLU A 121 -5.15 15.44 3.87
CA GLU A 121 -4.98 14.03 3.45
C GLU A 121 -5.57 13.15 4.55
N HIS A 122 -6.22 12.08 4.14
CA HIS A 122 -6.91 11.20 5.10
C HIS A 122 -5.93 10.19 5.69
N VAL A 123 -5.82 10.14 7.00
CA VAL A 123 -5.03 9.03 7.61
C VAL A 123 -6.05 8.13 8.29
N LEU A 124 -6.27 6.95 7.73
CA LEU A 124 -7.29 6.01 8.24
C LEU A 124 -6.66 5.06 9.26
N VAL A 125 -7.40 4.75 10.33
CA VAL A 125 -6.90 3.75 11.30
C VAL A 125 -7.00 2.37 10.63
N LYS A 126 -5.87 1.67 10.55
CA LYS A 126 -5.80 0.34 9.90
C LYS A 126 -6.12 -0.73 10.95
N HIS A 127 -7.13 -1.56 10.69
CA HIS A 127 -7.55 -2.61 11.65
C HIS A 127 -7.27 -4.01 11.11
N ARG A 128 -7.36 -4.18 9.79
CA ARG A 128 -7.22 -5.53 9.16
C ARG A 128 -6.37 -5.42 7.91
N TYR A 129 -6.02 -6.56 7.31
CA TYR A 129 -5.21 -6.55 6.07
C TYR A 129 -5.81 -5.58 5.04
N SER A 130 -7.11 -5.69 4.79
CA SER A 130 -7.77 -4.77 3.81
C SER A 130 -8.02 -3.38 4.43
N ALA A 131 -7.59 -2.33 3.75
CA ALA A 131 -7.81 -0.94 4.19
C ALA A 131 -9.31 -0.65 4.30
N PHE A 132 -10.17 -1.47 3.68
CA PHE A 132 -11.63 -1.18 3.69
C PHE A 132 -12.29 -1.74 4.94
N GLN A 133 -11.68 -2.76 5.56
CA GLN A 133 -12.34 -3.45 6.71
C GLN A 133 -12.32 -2.54 7.94
N ARG A 134 -13.50 -2.35 8.55
CA ARG A 134 -13.63 -1.53 9.78
C ARG A 134 -13.18 -0.09 9.50
N SER A 135 -13.36 0.39 8.26
CA SER A 135 -13.03 1.79 7.93
C SER A 135 -14.12 2.38 7.02
N ASN A 136 -14.01 3.68 6.74
CA ASN A 136 -14.95 4.38 5.84
C ASN A 136 -14.25 4.68 4.50
N LEU A 137 -13.18 3.96 4.17
CA LEU A 137 -12.48 4.21 2.87
C LEU A 137 -13.47 4.24 1.70
N GLU A 138 -14.35 3.24 1.59
CA GLU A 138 -15.26 3.16 0.42
C GLU A 138 -16.16 4.40 0.31
N THR A 139 -16.78 4.84 1.40
CA THR A 139 -17.67 6.04 1.35
C THR A 139 -16.85 7.32 1.15
N LEU A 140 -15.68 7.43 1.77
CA LEU A 140 -14.81 8.62 1.53
C LEU A 140 -14.48 8.75 0.04
N MSE A 141 -14.21 7.62 -0.62
CA MSE A 141 -13.85 7.66 -2.03
C MSE A 141 -15.06 7.98 -2.91
O MSE A 141 -14.98 8.82 -3.79
CB MSE A 141 -13.24 6.32 -2.47
CG MSE A 141 -11.84 6.08 -1.93
SE MSE A 141 -11.15 4.37 -2.57
CE MSE A 141 -11.12 4.66 -4.51
N ARG A 142 -16.18 7.28 -2.64
N ARG A 142 -16.19 7.32 -2.64
CA ARG A 142 -17.40 7.42 -3.41
CA ARG A 142 -17.35 7.46 -3.51
C ARG A 142 -17.87 8.89 -3.47
C ARG A 142 -17.91 8.89 -3.48
N VAL A 143 -17.95 9.56 -2.32
CA VAL A 143 -18.51 10.93 -2.29
C VAL A 143 -17.53 11.91 -2.98
N ARG A 144 -16.30 11.47 -3.24
CA ARG A 144 -15.29 12.30 -3.95
C ARG A 144 -15.26 11.89 -5.43
N GLY A 145 -16.18 11.01 -5.82
CA GLY A 145 -16.27 10.55 -7.22
C GLY A 145 -15.08 9.70 -7.63
N ARG A 146 -14.44 9.02 -6.67
CA ARG A 146 -13.26 8.19 -6.99
C ARG A 146 -13.67 6.71 -7.01
N ASP A 147 -13.51 6.07 -8.16
CA ASP A 147 -13.89 4.65 -8.32
C ASP A 147 -12.68 3.87 -8.84
N GLN A 148 -11.49 4.43 -8.62
CA GLN A 148 -10.21 3.75 -8.97
C GLN A 148 -9.28 3.95 -7.78
N LEU A 149 -8.53 2.91 -7.43
CA LEU A 149 -7.60 2.99 -6.28
C LEU A 149 -6.19 2.62 -6.74
N LEU A 150 -5.22 3.46 -6.41
CA LEU A 150 -3.80 3.15 -6.71
C LEU A 150 -3.14 2.78 -5.38
N VAL A 151 -2.74 1.51 -5.26
CA VAL A 151 -2.16 0.97 -4.00
C VAL A 151 -0.62 1.03 -4.03
N THR A 152 -0.06 1.57 -2.95
CA THR A 152 1.40 1.61 -2.71
C THR A 152 1.63 1.16 -1.26
N GLY A 153 2.87 0.80 -0.91
CA GLY A 153 3.19 0.51 0.50
C GLY A 153 3.61 -0.93 0.75
N VAL A 154 3.41 -1.39 1.99
CA VAL A 154 3.86 -2.75 2.42
C VAL A 154 2.73 -3.45 3.18
N TYR A 155 2.70 -4.79 3.18
CA TYR A 155 3.55 -5.69 2.43
C TYR A 155 2.73 -6.15 1.21
N ALA A 156 3.37 -6.31 0.06
CA ALA A 156 2.65 -6.55 -1.21
C ALA A 156 1.72 -7.76 -1.13
N HIS A 157 2.23 -8.90 -0.65
CA HIS A 157 1.41 -10.14 -0.64
C HIS A 157 0.41 -10.19 0.52
N ILE A 158 0.41 -9.21 1.42
CA ILE A 158 -0.52 -9.28 2.58
C ILE A 158 -1.56 -8.17 2.45
N GLY A 159 -1.36 -7.03 3.11
CA GLY A 159 -2.38 -5.96 3.09
C GLY A 159 -2.61 -5.36 1.70
N CYS A 160 -1.56 -5.20 0.89
CA CYS A 160 -1.78 -4.61 -0.46
C CYS A 160 -2.71 -5.52 -1.27
N THR A 161 -2.47 -6.83 -1.22
CA THR A 161 -3.27 -7.83 -1.96
C THR A 161 -4.71 -7.87 -1.40
N ALA A 162 -4.85 -7.94 -0.07
CA ALA A 162 -6.20 -7.98 0.52
C ALA A 162 -6.99 -6.72 0.15
N THR A 163 -6.32 -5.57 0.12
CA THR A 163 -6.98 -4.28 -0.20
C THR A 163 -7.39 -4.27 -1.67
N VAL A 164 -6.50 -4.72 -2.55
CA VAL A 164 -6.82 -4.74 -4.02
C VAL A 164 -8.05 -5.61 -4.28
N VAL A 165 -8.09 -6.83 -3.75
CA VAL A 165 -9.24 -7.72 -4.10
C VAL A 165 -10.53 -7.16 -3.47
N GLU A 166 -10.42 -6.48 -2.33
N GLU A 166 -10.43 -6.47 -2.33
CA GLU A 166 -11.66 -5.90 -1.75
CA GLU A 166 -11.66 -5.89 -1.72
C GLU A 166 -12.11 -4.70 -2.61
C GLU A 166 -12.10 -4.68 -2.54
N ALA A 167 -11.17 -3.85 -3.04
CA ALA A 167 -11.52 -2.70 -3.90
C ALA A 167 -12.29 -3.23 -5.13
N PHE A 168 -11.71 -4.24 -5.78
CA PHE A 168 -12.31 -4.88 -6.98
C PHE A 168 -13.74 -5.34 -6.67
N GLN A 169 -13.94 -6.00 -5.53
CA GLN A 169 -15.29 -6.54 -5.18
C GLN A 169 -16.25 -5.41 -4.83
N ARG A 170 -15.74 -4.23 -4.48
N ARG A 170 -15.71 -4.25 -4.47
CA ARG A 170 -16.61 -3.08 -4.12
CA ARG A 170 -16.53 -3.05 -4.13
C ARG A 170 -16.80 -2.20 -5.37
C ARG A 170 -16.64 -2.15 -5.36
N ASP A 171 -16.44 -2.71 -6.55
CA ASP A 171 -16.64 -1.98 -7.83
C ASP A 171 -15.66 -0.81 -7.97
N ILE A 172 -14.48 -0.94 -7.36
CA ILE A 172 -13.40 0.08 -7.46
C ILE A 172 -12.27 -0.55 -8.27
N GLU A 173 -12.00 -0.06 -9.48
CA GLU A 173 -10.90 -0.62 -10.29
C GLU A 173 -9.59 -0.45 -9.52
N ALA A 174 -8.78 -1.50 -9.48
CA ALA A 174 -7.60 -1.52 -8.58
C ALA A 174 -6.30 -1.57 -9.38
N PHE A 175 -5.39 -0.67 -9.00
CA PHE A 175 -4.04 -0.58 -9.60
C PHE A 175 -3.03 -0.72 -8.47
N ILE A 176 -1.90 -1.39 -8.75
CA ILE A 176 -0.83 -1.49 -7.74
C ILE A 176 0.49 -1.05 -8.38
N ALA A 177 1.18 -0.12 -7.73
CA ALA A 177 2.50 0.36 -8.22
C ALA A 177 3.53 -0.72 -7.92
N ALA A 178 3.92 -1.46 -8.95
CA ALA A 178 4.81 -2.65 -8.82
C ALA A 178 6.15 -2.27 -8.15
N ASP A 179 6.65 -1.06 -8.39
CA ASP A 179 7.94 -0.62 -7.78
C ASP A 179 7.72 0.49 -6.74
N ALA A 180 6.50 0.58 -6.19
CA ALA A 180 6.23 1.50 -5.07
C ALA A 180 5.58 0.69 -3.94
N VAL A 181 5.84 -0.62 -3.97
CA VAL A 181 5.44 -1.55 -2.88
C VAL A 181 6.69 -2.34 -2.51
N ALA A 182 6.70 -2.95 -1.34
CA ALA A 182 7.84 -3.79 -0.93
C ALA A 182 7.27 -5.00 -0.19
N ASP A 183 8.08 -6.02 0.00
CA ASP A 183 7.55 -7.28 0.56
C ASP A 183 8.67 -8.01 1.28
N PHE A 184 8.37 -9.21 1.77
CA PHE A 184 9.37 -10.00 2.54
C PHE A 184 10.48 -10.49 1.63
N SER A 185 10.18 -10.68 0.35
CA SER A 185 11.17 -11.22 -0.62
C SER A 185 10.69 -10.93 -2.03
N ARG A 186 11.58 -11.07 -3.02
CA ARG A 186 11.16 -10.88 -4.43
C ARG A 186 10.12 -11.96 -4.78
N ALA A 187 10.24 -13.16 -4.21
CA ALA A 187 9.28 -14.25 -4.51
C ALA A 187 7.87 -13.86 -4.05
N ASP A 188 7.75 -13.34 -2.83
CA ASP A 188 6.44 -12.86 -2.30
C ASP A 188 5.93 -11.70 -3.17
N HIS A 189 6.82 -10.76 -3.48
CA HIS A 189 6.48 -9.57 -4.31
C HIS A 189 5.92 -10.04 -5.67
N ASP A 190 6.63 -10.95 -6.35
CA ASP A 190 6.20 -11.45 -7.67
C ASP A 190 4.87 -12.20 -7.54
N GLN A 191 4.73 -13.00 -6.48
CA GLN A 191 3.49 -13.80 -6.24
C GLN A 191 2.31 -12.84 -6.14
N ALA A 192 2.48 -11.76 -5.37
CA ALA A 192 1.38 -10.79 -5.15
C ALA A 192 0.95 -10.18 -6.48
N LEU A 193 1.90 -9.66 -7.27
CA LEU A 193 1.57 -8.99 -8.55
C LEU A 193 0.94 -9.98 -9.52
N HIS A 194 1.44 -11.22 -9.56
CA HIS A 194 0.88 -12.25 -10.48
C HIS A 194 -0.56 -12.56 -10.09
N TRP A 195 -0.83 -12.78 -8.80
CA TRP A 195 -2.21 -13.12 -8.36
C TRP A 195 -3.14 -11.93 -8.64
N ILE A 196 -2.70 -10.70 -8.33
CA ILE A 196 -3.55 -9.51 -8.59
C ILE A 196 -3.84 -9.41 -10.10
N ALA A 197 -2.81 -9.58 -10.92
CA ALA A 197 -2.99 -9.44 -12.39
C ALA A 197 -4.02 -10.45 -12.93
N ARG A 198 -4.09 -11.65 -12.36
N ARG A 198 -4.09 -11.64 -12.33
CA ARG A 198 -5.01 -12.68 -12.93
CA ARG A 198 -4.95 -12.71 -12.87
C ARG A 198 -6.39 -12.63 -12.26
C ARG A 198 -6.34 -12.69 -12.21
N THR A 199 -6.55 -11.88 -11.16
CA THR A 199 -7.86 -11.92 -10.46
C THR A 199 -8.53 -10.58 -10.19
N SER A 200 -7.80 -9.46 -10.08
CA SER A 200 -8.52 -8.32 -9.45
C SER A 200 -7.91 -6.95 -9.70
N GLY A 201 -6.76 -6.85 -10.37
CA GLY A 201 -6.17 -5.50 -10.52
C GLY A 201 -5.07 -5.44 -11.56
N VAL A 202 -4.46 -4.26 -11.67
CA VAL A 202 -3.46 -4.01 -12.74
C VAL A 202 -2.15 -3.51 -12.15
N PRO A 203 -1.08 -4.33 -12.14
CA PRO A 203 0.24 -3.87 -11.74
C PRO A 203 0.89 -3.02 -12.83
N MSE A 204 1.44 -1.88 -12.42
CA MSE A 204 2.11 -0.95 -13.32
C MSE A 204 3.30 -0.32 -12.59
O MSE A 204 3.30 -0.24 -11.37
CB MSE A 204 1.14 0.16 -13.77
CG MSE A 204 -0.14 -0.36 -14.36
SE MSE A 204 -1.36 1.09 -14.92
CE MSE A 204 -0.32 2.49 -15.77
N THR A 205 4.30 0.15 -13.36
CA THR A 205 5.44 0.79 -12.72
C THR A 205 5.08 2.22 -12.35
N THR A 206 5.83 2.82 -11.44
CA THR A 206 5.61 4.22 -11.04
C THR A 206 5.75 5.12 -12.28
N ASP A 207 6.76 4.85 -13.12
CA ASP A 207 6.97 5.70 -14.33
C ASP A 207 5.72 5.63 -15.22
N GLN A 208 5.14 4.44 -15.39
CA GLN A 208 3.94 4.25 -16.25
C GLN A 208 2.78 5.04 -15.62
N LEU A 209 2.62 4.94 -14.30
CA LEU A 209 1.50 5.63 -13.61
C LEU A 209 1.63 7.16 -13.73
N LEU A 210 2.83 7.68 -13.52
CA LEU A 210 3.05 9.15 -13.61
C LEU A 210 2.73 9.67 -15.02
N GLU A 211 2.98 8.85 -16.04
N GLU A 211 2.97 8.86 -16.05
CA GLU A 211 2.76 9.22 -17.46
CA GLU A 211 2.74 9.33 -17.45
C GLU A 211 1.26 9.29 -17.77
C GLU A 211 1.25 9.29 -17.79
N VAL A 212 0.46 8.38 -17.20
CA VAL A 212 -0.99 8.28 -17.56
C VAL A 212 -1.87 9.11 -16.63
N LEU A 213 -1.36 9.53 -15.46
CA LEU A 213 -2.24 10.29 -14.52
C LEU A 213 -2.01 11.80 -14.67
CL CL B . -15.87 -3.83 7.91
CL CL B . -16.29 -4.33 5.75
NA NA C . 17.89 -3.79 13.17
NA NA D . 16.29 -0.42 8.44
NA NA E . 16.96 -2.32 10.81
NA NA F . 0.34 12.41 -19.02
NA NA G . -9.85 3.84 -17.90
NA NA H . -17.05 0.20 6.39
NA NA I . -13.64 15.79 -8.74
C FMT J . 11.68 8.23 9.46
O1 FMT J . 10.65 8.80 9.75
O2 FMT J . 12.37 8.44 8.39
C FMT K . 0.94 -6.45 12.06
O1 FMT K . -0.23 -6.14 12.11
O2 FMT K . 1.77 -6.40 13.08
C FMT L . 19.34 -5.41 -4.60
O1 FMT L . 19.56 -6.61 -4.58
O2 FMT L . 19.32 -4.67 -5.66
C FMT M . 1.25 9.63 10.87
O1 FMT M . 0.45 10.54 10.77
O2 FMT M . 2.51 9.78 11.14
C FMT N . -0.11 -12.10 20.29
O1 FMT N . -1.03 -11.63 20.92
O2 FMT N . -0.08 -13.28 19.76
#